data_7F96
#
_entry.id   7F96
#
_cell.length_a   103.610
_cell.length_b   103.610
_cell.length_c   128.040
_cell.angle_alpha   90.000
_cell.angle_beta   90.000
_cell.angle_gamma   120.000
#
_symmetry.space_group_name_H-M   'P 32 2 1'
#
loop_
_entity.id
_entity.type
_entity.pdbx_description
1 polymer 'Proline--tRNA ligase'
2 non-polymer ~{N}-[4-[(3~{S})-3-cyano-3-cyclopropyl-2-oxidanylidene-pyrrolidin-1-yl]-6-methyl-pyridin-2-yl]-2-phenyl-ethanamide
3 non-polymer PROLINE
4 water water
#
_entity_poly.entity_id   1
_entity_poly.type   'polypeptide(L)'
_entity_poly.pdbx_seq_one_letter_code
;GAMAITSKKIENFSDWYTQVIVKSELIEYYDISGCYILRPAAYYIWECVQAFFNKEIKKLNVENSYFPLFVTKNKLEKEK
NHIEGFSPEVAWVTKYGDSNLPEEIAIRPTSETIMYSVFPKWIRSYRDLPLKLNQWNTVVRWEFKQPTPFIRTREFLWQE
GHTAHKNEEEAVKLVFDILDLYRRWYEEYLAVPIIKGIKSEGEKFGGANFTSTAEAFISENGRAIQAATSHYLGTNFAKM
FKIEFEDENEVKQYVHQTSWGCTTRSIGIMIMTHGDDKGLVLPPNVSKYKVVIVPIFYKTTDENAIHSYCKDIEKILKNA
QINCVYDDRASYSPGYKFNHWELRGIPIRIEVGPKDLQNNSCVIVRRDNNEKCNVKKESVLLETQQMLVDIHKNLFLKAK
KKLDDSIVQVTSFSEVMNALNKKKMVLAPWCEDIATEEEIKKETQRLSLNQTNSETTLSGAMKPLCIPLDQPPMPPNMKC
FWSGKPAKRWCLFGRSY
;
_entity_poly.pdbx_strand_id   A
#
# COMPACT_ATOMS: atom_id res chain seq x y z
N GLY A 1 -11.20 -27.87 -14.23
CA GLY A 1 -11.99 -26.65 -14.36
C GLY A 1 -12.29 -25.98 -13.03
N ALA A 2 -13.49 -26.21 -12.52
CA ALA A 2 -13.98 -25.65 -11.27
C ALA A 2 -13.61 -24.17 -11.14
N MET A 3 -12.95 -23.80 -10.06
CA MET A 3 -12.58 -22.42 -9.87
C MET A 3 -11.21 -22.44 -9.27
N ALA A 4 -11.02 -21.60 -8.24
CA ALA A 4 -9.76 -21.48 -7.52
C ALA A 4 -8.52 -21.12 -8.35
N ILE A 5 -7.37 -21.28 -7.70
CA ILE A 5 -6.12 -20.97 -8.25
C ILE A 5 -5.41 -22.21 -8.62
N THR A 6 -4.92 -22.23 -9.83
CA THR A 6 -4.19 -23.38 -10.34
C THR A 6 -2.69 -23.31 -10.08
N SER A 7 -2.18 -22.18 -9.59
CA SER A 7 -0.80 -22.06 -9.16
C SER A 7 -0.75 -21.82 -7.67
N LYS A 8 0.23 -22.42 -7.01
CA LYS A 8 0.45 -22.19 -5.59
C LYS A 8 1.30 -20.95 -5.40
N LYS A 9 1.01 -20.23 -4.30
CA LYS A 9 1.68 -18.96 -4.05
C LYS A 9 3.19 -19.13 -3.94
N ILE A 10 3.64 -20.20 -3.28
CA ILE A 10 5.08 -20.40 -3.05
C ILE A 10 5.79 -20.99 -4.26
N GLU A 11 5.08 -21.32 -5.32
CA GLU A 11 5.73 -21.99 -6.45
C GLU A 11 5.69 -21.19 -7.74
N ASN A 12 4.61 -20.50 -8.04
CA ASN A 12 4.57 -19.59 -9.19
C ASN A 12 3.89 -18.30 -8.72
N PHE A 13 4.66 -17.46 -8.03
CA PHE A 13 4.08 -16.30 -7.36
C PHE A 13 3.34 -15.42 -8.34
N SER A 14 3.97 -15.07 -9.46
CA SER A 14 3.41 -14.06 -10.33
C SER A 14 2.09 -14.52 -10.95
N ASP A 15 2.01 -15.79 -11.35
CA ASP A 15 0.77 -16.31 -11.91
C ASP A 15 -0.29 -16.51 -10.83
N TRP A 16 0.11 -16.92 -9.61
CA TRP A 16 -0.84 -16.96 -8.51
C TRP A 16 -1.48 -15.59 -8.29
N TYR A 17 -0.65 -14.55 -8.39
CA TYR A 17 -1.14 -13.19 -8.16
C TYR A 17 -2.14 -12.78 -9.22
N THR A 18 -1.80 -12.98 -10.51
CA THR A 18 -2.72 -12.54 -11.55
C THR A 18 -4.03 -13.32 -11.47
N GLN A 19 -3.95 -14.63 -11.23
CA GLN A 19 -5.17 -15.41 -11.03
C GLN A 19 -6.01 -14.85 -9.88
N VAL A 20 -5.39 -14.58 -8.72
CA VAL A 20 -6.15 -14.13 -7.56
C VAL A 20 -6.85 -12.81 -7.83
N ILE A 21 -6.13 -11.82 -8.40
CA ILE A 21 -6.77 -10.51 -8.51
C ILE A 21 -7.87 -10.54 -9.58
N VAL A 22 -7.78 -11.43 -10.56
CA VAL A 22 -8.85 -11.48 -11.56
C VAL A 22 -10.04 -12.25 -11.01
N LYS A 23 -9.80 -13.42 -10.41
CA LYS A 23 -10.91 -14.28 -9.99
C LYS A 23 -11.57 -13.81 -8.69
N SER A 24 -10.87 -13.07 -7.82
CA SER A 24 -11.56 -12.47 -6.68
C SER A 24 -12.39 -11.26 -7.09
N GLU A 25 -12.35 -10.87 -8.38
CA GLU A 25 -13.06 -9.72 -8.92
C GLU A 25 -12.54 -8.38 -8.37
N LEU A 26 -11.23 -8.30 -8.12
CA LEU A 26 -10.64 -7.02 -7.71
C LEU A 26 -10.31 -6.15 -8.92
N ILE A 27 -9.99 -6.75 -10.05
CA ILE A 27 -9.27 -6.10 -11.12
C ILE A 27 -9.80 -6.62 -12.44
N GLU A 28 -9.88 -5.74 -13.43
CA GLU A 28 -10.06 -6.18 -14.81
C GLU A 28 -8.92 -5.60 -15.64
N TYR A 29 -8.41 -6.42 -16.55
CA TYR A 29 -7.38 -5.97 -17.47
C TYR A 29 -7.99 -5.10 -18.56
N TYR A 30 -7.14 -4.30 -19.19
CA TYR A 30 -7.57 -3.25 -20.10
C TYR A 30 -6.70 -3.30 -21.33
N ASP A 31 -7.20 -2.74 -22.43
CA ASP A 31 -6.49 -2.85 -23.70
C ASP A 31 -5.36 -1.82 -23.85
N ILE A 32 -5.04 -1.08 -22.79
CA ILE A 32 -3.80 -0.32 -22.71
C ILE A 32 -2.98 -0.95 -21.60
N SER A 33 -1.74 -1.31 -21.91
CA SER A 33 -0.92 -2.02 -20.94
C SER A 33 -0.51 -1.10 -19.80
N GLY A 34 -0.50 -1.64 -18.58
CA GLY A 34 -0.20 -0.83 -17.43
C GLY A 34 -1.35 -0.01 -16.90
N CYS A 35 -2.56 -0.23 -17.41
CA CYS A 35 -3.77 0.41 -16.94
C CYS A 35 -4.77 -0.68 -16.55
N TYR A 36 -5.46 -0.49 -15.44
CA TYR A 36 -6.30 -1.53 -14.91
C TYR A 36 -7.61 -0.93 -14.41
N ILE A 37 -8.66 -1.72 -14.49
CA ILE A 37 -9.94 -1.33 -13.94
C ILE A 37 -10.00 -1.80 -12.49
N LEU A 38 -10.29 -0.87 -11.59
CA LEU A 38 -10.53 -1.14 -10.19
C LEU A 38 -12.02 -1.42 -10.03
N ARG A 39 -12.37 -2.69 -9.86
CA ARG A 39 -13.77 -3.09 -9.68
C ARG A 39 -14.20 -2.76 -8.26
N PRO A 40 -15.49 -2.87 -7.96
CA PRO A 40 -15.98 -2.39 -6.64
C PRO A 40 -15.29 -2.97 -5.42
N ALA A 41 -14.91 -4.25 -5.41
CA ALA A 41 -14.27 -4.82 -4.22
C ALA A 41 -12.95 -4.14 -3.90
N ALA A 42 -12.16 -3.78 -4.92
CA ALA A 42 -10.91 -3.05 -4.66
C ALA A 42 -11.16 -1.58 -4.33
N TYR A 43 -12.09 -0.95 -5.06
CA TYR A 43 -12.36 0.45 -4.80
C TYR A 43 -12.87 0.64 -3.38
N TYR A 44 -13.57 -0.37 -2.86
CA TYR A 44 -14.06 -0.29 -1.48
C TYR A 44 -12.91 -0.18 -0.48
N ILE A 45 -11.85 -0.95 -0.68
CA ILE A 45 -10.67 -0.83 0.18
C ILE A 45 -10.14 0.59 0.13
N TRP A 46 -10.02 1.12 -1.10
CA TRP A 46 -9.50 2.48 -1.22
C TRP A 46 -10.37 3.48 -0.47
N GLU A 47 -11.69 3.35 -0.57
CA GLU A 47 -12.60 4.26 0.14
C GLU A 47 -12.40 4.15 1.64
N CYS A 48 -12.18 2.93 2.14
CA CYS A 48 -11.97 2.72 3.58
C CYS A 48 -10.73 3.49 4.06
N VAL A 49 -9.60 3.29 3.38
CA VAL A 49 -8.38 3.93 3.86
C VAL A 49 -8.48 5.44 3.64
N GLN A 50 -9.25 5.86 2.63
CA GLN A 50 -9.49 7.27 2.39
C GLN A 50 -10.20 7.91 3.57
N ALA A 51 -11.24 7.23 4.08
CA ALA A 51 -11.97 7.77 5.22
C ALA A 51 -11.05 7.88 6.44
N PHE A 52 -10.23 6.86 6.67
CA PHE A 52 -9.32 6.92 7.81
C PHE A 52 -8.33 8.08 7.68
N PHE A 53 -7.69 8.19 6.52
CA PHE A 53 -6.66 9.20 6.34
C PHE A 53 -7.24 10.62 6.37
N ASN A 54 -8.40 10.82 5.73
CA ASN A 54 -9.07 12.12 5.82
C ASN A 54 -9.31 12.51 7.25
N LYS A 55 -9.82 11.58 8.06
CA LYS A 55 -10.12 11.96 9.44
C LYS A 55 -8.83 12.29 10.22
N GLU A 56 -7.75 11.54 9.96
CA GLU A 56 -6.52 11.80 10.70
C GLU A 56 -5.84 13.11 10.28
N ILE A 57 -5.85 13.43 8.98
CA ILE A 57 -5.16 14.65 8.57
C ILE A 57 -6.01 15.90 8.85
N LYS A 58 -7.33 15.76 9.07
CA LYS A 58 -8.05 16.95 9.55
C LYS A 58 -7.58 17.35 10.95
N LYS A 59 -7.14 16.39 11.78
CA LYS A 59 -6.61 16.74 13.10
C LYS A 59 -5.32 17.53 12.99
N LEU A 60 -4.56 17.37 11.92
CA LEU A 60 -3.37 18.18 11.65
C LEU A 60 -3.68 19.47 10.88
N ASN A 61 -4.96 19.76 10.61
CA ASN A 61 -5.40 20.96 9.90
C ASN A 61 -5.00 20.96 8.42
N VAL A 62 -4.86 19.78 7.81
CA VAL A 62 -4.71 19.70 6.37
C VAL A 62 -6.08 19.75 5.73
N GLU A 63 -6.19 20.46 4.61
CA GLU A 63 -7.46 20.68 3.92
C GLU A 63 -7.38 20.12 2.50
N ASN A 64 -8.46 19.49 2.06
CA ASN A 64 -8.47 18.90 0.73
C ASN A 64 -8.74 19.96 -0.33
N SER A 65 -8.17 19.76 -1.50
CA SER A 65 -8.33 20.67 -2.63
C SER A 65 -8.26 19.87 -3.92
N TYR A 66 -8.42 20.54 -5.05
CA TYR A 66 -8.22 19.89 -6.33
C TYR A 66 -7.50 20.84 -7.27
N PHE A 67 -6.36 20.41 -7.83
CA PHE A 67 -5.58 21.17 -8.79
C PHE A 67 -5.67 20.56 -10.18
N PRO A 68 -5.39 21.33 -11.23
CA PRO A 68 -5.58 20.81 -12.59
C PRO A 68 -4.68 19.62 -12.91
N LEU A 69 -5.19 18.80 -13.83
CA LEU A 69 -4.49 17.65 -14.41
C LEU A 69 -3.34 18.04 -15.34
N PHE A 70 -3.29 19.28 -15.84
CA PHE A 70 -2.34 19.67 -16.86
C PHE A 70 -1.35 20.73 -16.37
N VAL A 71 -0.16 20.71 -16.98
CA VAL A 71 0.88 21.71 -16.73
C VAL A 71 1.52 22.13 -18.05
N THR A 72 1.85 23.41 -18.17
CA THR A 72 2.52 23.94 -19.36
C THR A 72 4.03 23.68 -19.33
N LYS A 73 4.65 23.75 -20.52
CA LYS A 73 6.10 23.69 -20.60
C LYS A 73 6.73 24.80 -19.76
N ASN A 74 6.12 25.98 -19.75
CA ASN A 74 6.64 27.12 -19.00
C ASN A 74 6.85 26.77 -17.54
N LYS A 75 5.78 26.33 -16.87
CA LYS A 75 5.88 26.01 -15.46
C LYS A 75 6.74 24.77 -15.21
N LEU A 76 6.88 23.90 -16.21
CA LEU A 76 7.72 22.71 -16.10
C LEU A 76 9.20 23.04 -16.25
N GLU A 77 9.53 24.20 -16.82
CA GLU A 77 10.93 24.61 -16.91
C GLU A 77 11.48 25.14 -15.59
N LYS A 78 10.61 25.63 -14.70
CA LYS A 78 11.07 26.12 -13.41
C LYS A 78 11.69 25.01 -12.56
N GLU A 79 11.34 23.75 -12.82
CA GLU A 79 11.91 22.60 -12.13
C GLU A 79 13.19 22.08 -12.77
N LYS A 80 13.78 22.84 -13.70
CA LYS A 80 15.05 22.45 -14.32
C LYS A 80 16.22 23.05 -13.55
N PHE A 86 11.25 13.56 -13.86
CA PHE A 86 10.21 12.75 -14.51
C PHE A 86 10.15 12.86 -16.03
N SER A 87 11.13 13.57 -16.64
CA SER A 87 11.04 14.02 -18.04
C SER A 87 10.53 12.94 -18.97
N PRO A 88 11.03 11.70 -18.91
CA PRO A 88 10.47 10.64 -19.76
C PRO A 88 9.14 10.05 -19.29
N GLU A 89 8.80 10.15 -18.00
CA GLU A 89 7.53 9.61 -17.52
C GLU A 89 6.34 10.53 -17.82
N VAL A 90 6.58 11.66 -18.47
CA VAL A 90 5.59 12.72 -18.63
C VAL A 90 4.90 12.57 -19.98
N ALA A 91 3.59 12.35 -19.96
CA ALA A 91 2.79 12.25 -21.18
C ALA A 91 2.37 13.64 -21.67
N TRP A 92 2.47 13.85 -22.98
CA TRP A 92 2.15 15.13 -23.61
C TRP A 92 0.88 15.03 -24.43
N VAL A 93 -0.08 15.89 -24.12
CA VAL A 93 -1.24 16.12 -24.98
C VAL A 93 -0.86 17.11 -26.08
N THR A 94 -1.08 16.73 -27.34
CA THR A 94 -0.71 17.60 -28.45
C THR A 94 -1.83 17.92 -29.44
N LYS A 95 -3.02 17.32 -29.33
CA LYS A 95 -4.07 17.70 -30.25
C LYS A 95 -5.45 17.41 -29.64
N TYR A 96 -6.44 18.15 -30.13
CA TYR A 96 -7.84 17.94 -29.82
C TYR A 96 -8.54 17.57 -31.12
N GLY A 97 -9.31 16.49 -31.11
CA GLY A 97 -9.84 16.02 -32.37
C GLY A 97 -8.73 15.72 -33.34
N ASP A 98 -8.86 16.24 -34.57
CA ASP A 98 -7.90 16.07 -35.65
C ASP A 98 -7.11 17.36 -35.95
N SER A 99 -7.01 18.27 -34.97
CA SER A 99 -6.26 19.51 -35.09
C SER A 99 -5.28 19.65 -33.93
N ASN A 100 -4.17 20.35 -34.17
CA ASN A 100 -3.08 20.45 -33.20
C ASN A 100 -3.34 21.56 -32.21
N LEU A 101 -2.95 21.33 -30.95
CA LEU A 101 -3.06 22.36 -29.92
C LEU A 101 -2.10 23.52 -30.24
N PRO A 102 -2.46 24.74 -29.84
CA PRO A 102 -1.52 25.87 -30.01
C PRO A 102 -0.23 25.71 -29.21
N GLU A 103 -0.30 25.12 -28.02
CA GLU A 103 0.88 24.81 -27.22
C GLU A 103 0.62 23.50 -26.50
N GLU A 104 1.54 22.56 -26.63
CA GLU A 104 1.35 21.25 -26.02
C GLU A 104 1.45 21.34 -24.50
N ILE A 105 0.70 20.48 -23.82
CA ILE A 105 0.61 20.49 -22.37
C ILE A 105 0.82 19.07 -21.85
N ALA A 106 1.17 18.97 -20.57
CA ALA A 106 1.61 17.71 -19.98
C ALA A 106 0.63 17.27 -18.90
N ILE A 107 0.46 15.97 -18.77
CA ILE A 107 -0.34 15.38 -17.70
C ILE A 107 0.53 15.20 -16.46
N ARG A 108 -0.03 15.53 -15.30
CA ARG A 108 0.75 15.53 -14.06
C ARG A 108 1.30 14.13 -13.76
N PRO A 109 2.59 14.00 -13.48
CA PRO A 109 3.10 12.79 -12.81
C PRO A 109 3.10 12.94 -11.31
N THR A 110 2.93 14.18 -10.84
CA THR A 110 2.98 14.66 -9.47
C THR A 110 2.65 16.14 -9.57
N SER A 111 2.14 16.73 -8.47
CA SER A 111 1.58 18.07 -8.56
C SER A 111 2.47 19.19 -8.01
N GLU A 112 3.76 18.93 -7.77
CA GLU A 112 4.62 19.98 -7.20
C GLU A 112 4.59 21.24 -8.05
N THR A 113 4.98 21.12 -9.33
CA THR A 113 5.09 22.32 -10.17
C THR A 113 3.73 23.00 -10.36
N ILE A 114 2.67 22.21 -10.54
CA ILE A 114 1.33 22.76 -10.68
C ILE A 114 0.92 23.58 -9.46
N MET A 115 1.14 23.06 -8.26
CA MET A 115 0.70 23.75 -7.04
C MET A 115 1.62 24.92 -6.66
N TYR A 116 2.92 24.71 -6.75
CA TYR A 116 3.84 25.74 -6.30
C TYR A 116 3.92 26.89 -7.27
N SER A 117 3.41 26.73 -8.51
CA SER A 117 3.27 27.88 -9.38
C SER A 117 2.35 28.95 -8.78
N VAL A 118 1.41 28.55 -7.91
CA VAL A 118 0.49 29.52 -7.31
C VAL A 118 0.73 29.74 -5.82
N PHE A 119 1.49 28.88 -5.16
CA PHE A 119 1.83 29.18 -3.76
C PHE A 119 2.30 30.63 -3.49
N PRO A 120 3.12 31.26 -4.35
CA PRO A 120 3.60 32.61 -4.00
C PRO A 120 2.52 33.65 -3.82
N LYS A 121 1.39 33.53 -4.50
CA LYS A 121 0.33 34.51 -4.28
C LYS A 121 -0.48 34.21 -3.03
N TRP A 122 -0.34 33.02 -2.46
CA TRP A 122 -1.05 32.69 -1.24
C TRP A 122 -0.22 32.92 0.01
N ILE A 123 1.10 32.96 -0.13
CA ILE A 123 2.03 33.11 0.99
C ILE A 123 2.79 34.40 0.76
N ARG A 124 2.57 35.38 1.62
CA ARG A 124 3.27 36.65 1.52
C ARG A 124 3.87 37.03 2.86
N SER A 125 3.27 36.56 3.95
CA SER A 125 3.74 36.94 5.27
C SER A 125 3.62 35.73 6.20
N TYR A 126 4.28 35.83 7.36
CA TYR A 126 4.24 34.74 8.33
C TYR A 126 2.82 34.45 8.80
N ARG A 127 1.91 35.42 8.72
CA ARG A 127 0.51 35.19 9.06
C ARG A 127 -0.16 34.15 8.18
N ASP A 128 0.38 33.90 6.99
CA ASP A 128 -0.19 32.94 6.06
C ASP A 128 0.30 31.52 6.27
N LEU A 129 1.10 31.26 7.31
CA LEU A 129 1.69 29.94 7.46
C LEU A 129 1.23 29.30 8.76
N PRO A 130 1.15 27.96 8.81
CA PRO A 130 1.43 27.06 7.70
C PRO A 130 0.30 26.93 6.69
N LEU A 131 0.67 26.62 5.46
CA LEU A 131 -0.26 26.27 4.41
C LEU A 131 -0.26 24.75 4.26
N LYS A 132 -1.43 24.11 4.37
CA LYS A 132 -1.51 22.64 4.37
C LYS A 132 -2.60 22.16 3.43
N LEU A 133 -2.20 21.54 2.31
CA LEU A 133 -3.13 21.08 1.30
C LEU A 133 -2.97 19.59 1.04
N ASN A 134 -4.07 18.94 0.67
CA ASN A 134 -4.02 17.56 0.21
C ASN A 134 -4.95 17.40 -1.00
N GLN A 135 -4.59 16.47 -1.88
CA GLN A 135 -5.43 16.07 -2.99
C GLN A 135 -5.60 14.56 -3.04
N TRP A 136 -6.84 14.10 -3.27
CA TRP A 136 -7.11 12.75 -3.76
C TRP A 136 -7.26 12.80 -5.28
N ASN A 137 -6.36 12.17 -6.02
CA ASN A 137 -6.47 12.30 -7.48
C ASN A 137 -5.77 11.12 -8.16
N THR A 138 -5.64 11.18 -9.48
CA THR A 138 -4.84 10.20 -10.19
C THR A 138 -3.69 10.90 -10.91
N VAL A 139 -2.60 10.15 -11.07
CA VAL A 139 -1.46 10.67 -11.81
C VAL A 139 -1.02 9.63 -12.83
N VAL A 140 -0.22 10.11 -13.78
CA VAL A 140 0.19 9.33 -14.93
C VAL A 140 1.71 9.37 -14.99
N ARG A 141 2.34 8.19 -14.95
CA ARG A 141 3.77 8.04 -15.15
C ARG A 141 3.94 6.97 -16.22
N TRP A 142 4.23 7.39 -17.43
CA TRP A 142 4.10 6.51 -18.59
C TRP A 142 5.44 5.85 -18.90
N GLU A 143 5.85 4.95 -18.01
CA GLU A 143 7.10 4.24 -18.15
C GLU A 143 6.94 2.98 -19.01
N PHE A 144 8.07 2.48 -19.50
CA PHE A 144 8.03 1.32 -20.38
C PHE A 144 8.59 0.06 -19.73
N LYS A 145 8.73 0.07 -18.42
CA LYS A 145 9.08 -1.13 -17.68
C LYS A 145 7.85 -2.02 -17.52
N GLN A 146 8.08 -3.22 -17.00
CA GLN A 146 7.00 -4.19 -16.84
C GLN A 146 6.05 -3.71 -15.77
N PRO A 147 4.77 -3.49 -16.07
CA PRO A 147 3.82 -3.07 -15.05
C PRO A 147 3.35 -4.26 -14.24
N THR A 148 2.88 -3.97 -13.03
CA THR A 148 2.31 -4.97 -12.13
C THR A 148 1.03 -4.38 -11.56
N PRO A 149 -0.10 -5.06 -11.68
CA PRO A 149 -1.36 -4.48 -11.16
C PRO A 149 -1.23 -4.13 -9.69
N PHE A 150 -1.80 -2.98 -9.32
CA PHE A 150 -1.68 -2.35 -8.00
C PHE A 150 -0.27 -1.88 -7.68
N ILE A 151 0.77 -2.67 -8.01
CA ILE A 151 2.13 -2.39 -7.52
C ILE A 151 2.81 -1.30 -8.34
N ARG A 152 2.90 -1.47 -9.65
N ARG A 152 2.90 -1.47 -9.65
CA ARG A 152 3.53 -0.49 -10.56
CA ARG A 152 3.53 -0.49 -10.53
C ARG A 152 2.69 -0.32 -11.79
C ARG A 152 2.70 -0.32 -11.78
N THR A 153 1.96 0.78 -11.90
CA THR A 153 1.05 0.99 -13.03
C THR A 153 1.33 2.36 -13.68
N ARG A 154 0.80 2.55 -14.88
CA ARG A 154 1.02 3.80 -15.60
C ARG A 154 0.08 4.91 -15.14
N GLU A 155 -1.13 4.55 -14.73
CA GLU A 155 -2.06 5.50 -14.14
C GLU A 155 -2.42 4.95 -12.78
N PHE A 156 -2.36 5.78 -11.75
CA PHE A 156 -2.80 5.23 -10.46
C PHE A 156 -3.44 6.31 -9.61
N LEU A 157 -4.24 5.83 -8.66
CA LEU A 157 -4.92 6.67 -7.69
C LEU A 157 -4.00 6.88 -6.51
N TRP A 158 -4.01 8.08 -5.97
CA TRP A 158 -3.24 8.30 -4.77
C TRP A 158 -3.80 9.50 -4.01
N GLN A 159 -3.09 9.80 -2.95
CA GLN A 159 -3.27 11.02 -2.18
C GLN A 159 -1.90 11.71 -2.19
N GLU A 160 -1.89 13.02 -2.34
CA GLU A 160 -0.64 13.77 -2.24
C GLU A 160 -0.87 15.02 -1.40
N GLY A 161 -0.11 15.15 -0.31
CA GLY A 161 -0.18 16.29 0.57
C GLY A 161 1.05 17.15 0.40
N HIS A 162 0.87 18.45 0.60
CA HIS A 162 1.90 19.46 0.44
C HIS A 162 1.72 20.49 1.54
N THR A 163 2.80 20.81 2.26
CA THR A 163 2.71 21.80 3.32
C THR A 163 3.89 22.77 3.23
N ALA A 164 3.66 23.95 3.80
CA ALA A 164 4.63 25.03 3.82
C ALA A 164 4.65 25.65 5.21
N HIS A 165 5.85 25.76 5.78
CA HIS A 165 6.05 26.18 7.15
C HIS A 165 7.07 27.30 7.25
N LYS A 166 7.05 27.99 8.39
CA LYS A 166 7.95 29.11 8.62
C LYS A 166 9.38 28.67 8.96
N ASN A 167 9.61 27.41 9.36
CA ASN A 167 10.96 26.96 9.66
C ASN A 167 11.07 25.46 9.47
N GLU A 168 12.26 24.93 9.74
CA GLU A 168 12.58 23.54 9.49
C GLU A 168 11.99 22.61 10.55
N GLU A 169 12.00 23.04 11.81
CA GLU A 169 11.53 22.17 12.89
C GLU A 169 10.08 21.76 12.68
N GLU A 170 9.22 22.73 12.39
CA GLU A 170 7.80 22.43 12.20
C GLU A 170 7.60 21.49 11.03
N ALA A 171 8.26 21.78 9.91
CA ALA A 171 8.15 20.95 8.72
C ALA A 171 8.59 19.51 9.00
N VAL A 172 9.73 19.33 9.67
CA VAL A 172 10.23 17.99 9.92
C VAL A 172 9.28 17.23 10.86
N LYS A 173 8.74 17.94 11.87
CA LYS A 173 7.77 17.29 12.75
C LYS A 173 6.58 16.78 11.95
N LEU A 174 6.08 17.59 11.00
CA LEU A 174 4.94 17.13 10.21
C LEU A 174 5.32 15.94 9.32
N VAL A 175 6.54 15.95 8.76
CA VAL A 175 7.01 14.82 7.97
C VAL A 175 6.87 13.51 8.76
N PHE A 176 7.35 13.52 10.00
CA PHE A 176 7.34 12.25 10.72
C PHE A 176 5.95 11.91 11.30
N ASP A 177 5.13 12.93 11.60
CA ASP A 177 3.71 12.69 11.94
C ASP A 177 2.98 11.98 10.80
N ILE A 178 3.20 12.45 9.56
CA ILE A 178 2.59 11.81 8.41
C ILE A 178 3.08 10.37 8.29
N LEU A 179 4.40 10.17 8.44
CA LEU A 179 4.93 8.82 8.28
C LEU A 179 4.28 7.86 9.29
N ASP A 180 4.02 8.32 10.51
CA ASP A 180 3.32 7.43 11.42
C ASP A 180 1.85 7.23 11.05
N LEU A 181 1.21 8.24 10.44
CA LEU A 181 -0.15 7.98 9.93
C LEU A 181 -0.13 6.88 8.88
N TYR A 182 0.93 6.84 8.05
CA TYR A 182 1.03 5.78 7.04
C TYR A 182 1.26 4.42 7.71
N ARG A 183 2.07 4.40 8.77
CA ARG A 183 2.21 3.18 9.57
C ARG A 183 0.84 2.67 10.04
N ARG A 184 -0.02 3.59 10.49
CA ARG A 184 -1.33 3.16 11.00
C ARG A 184 -2.25 2.70 9.87
N TRP A 185 -2.28 3.45 8.78
CA TRP A 185 -2.97 3.02 7.56
C TRP A 185 -2.65 1.57 7.20
N TYR A 186 -1.37 1.22 7.19
CA TYR A 186 -1.02 -0.14 6.84
C TYR A 186 -1.30 -1.15 7.96
N GLU A 187 -1.24 -0.74 9.22
CA GLU A 187 -1.38 -1.73 10.27
C GLU A 187 -2.82 -1.95 10.69
N GLU A 188 -3.52 -0.86 11.06
CA GLU A 188 -4.87 -0.95 11.60
C GLU A 188 -5.91 -1.31 10.54
N TYR A 189 -5.62 -1.11 9.26
CA TYR A 189 -6.60 -1.40 8.22
C TYR A 189 -6.17 -2.53 7.29
N LEU A 190 -4.90 -2.54 6.86
CA LEU A 190 -4.43 -3.59 5.98
C LEU A 190 -3.71 -4.72 6.71
N ALA A 191 -3.44 -4.57 8.01
CA ALA A 191 -2.76 -5.60 8.80
C ALA A 191 -1.42 -5.98 8.17
N VAL A 192 -0.65 -4.96 7.79
CA VAL A 192 0.62 -5.11 7.09
C VAL A 192 1.70 -4.39 7.89
N PRO A 193 2.76 -5.07 8.32
CA PRO A 193 3.85 -4.37 9.01
C PRO A 193 4.77 -3.68 8.00
N ILE A 194 5.28 -2.51 8.39
CA ILE A 194 6.23 -1.78 7.55
C ILE A 194 7.45 -1.44 8.39
N ILE A 195 8.51 -1.00 7.70
CA ILE A 195 9.73 -0.50 8.33
C ILE A 195 9.89 0.96 7.95
N LYS A 196 10.06 1.82 8.96
CA LYS A 196 10.33 3.23 8.70
C LYS A 196 11.82 3.46 8.48
N GLY A 197 12.16 4.31 7.51
CA GLY A 197 13.56 4.62 7.27
C GLY A 197 13.74 5.86 6.43
N ILE A 198 15.00 6.19 6.21
CA ILE A 198 15.43 7.33 5.40
C ILE A 198 16.00 6.78 4.10
N LYS A 199 15.58 7.34 2.97
CA LYS A 199 16.18 6.92 1.71
C LYS A 199 17.59 7.47 1.60
N SER A 200 18.43 6.71 0.89
CA SER A 200 19.76 7.18 0.54
C SER A 200 19.67 8.32 -0.47
N GLU A 201 20.79 9.01 -0.66
CA GLU A 201 20.79 10.21 -1.49
C GLU A 201 20.56 9.88 -2.96
N GLY A 202 20.95 8.69 -3.40
CA GLY A 202 20.64 8.29 -4.75
C GLY A 202 19.19 7.91 -4.98
N GLU A 203 18.41 7.69 -3.94
CA GLU A 203 17.05 7.23 -4.10
C GLU A 203 16.00 8.25 -3.64
N LYS A 204 16.41 9.38 -3.10
CA LYS A 204 15.40 10.29 -2.58
C LYS A 204 14.72 11.02 -3.72
N PHE A 205 13.57 11.60 -3.40
CA PHE A 205 12.80 12.41 -4.33
C PHE A 205 13.69 13.51 -4.91
N GLY A 206 13.54 13.75 -6.21
CA GLY A 206 14.31 14.81 -6.84
C GLY A 206 13.95 16.16 -6.23
N GLY A 207 14.95 16.87 -5.74
CA GLY A 207 14.72 18.15 -5.10
C GLY A 207 14.48 18.10 -3.61
N ALA A 208 14.27 16.93 -3.02
CA ALA A 208 14.08 16.83 -1.58
C ALA A 208 15.40 17.05 -0.84
N ASN A 209 15.28 17.56 0.38
CA ASN A 209 16.38 17.55 1.34
C ASN A 209 16.59 16.13 1.88
N PHE A 210 15.52 15.48 2.37
CA PHE A 210 15.56 14.05 2.61
C PHE A 210 14.19 13.44 2.38
N THR A 211 14.18 12.15 2.12
CA THR A 211 12.96 11.38 1.91
C THR A 211 12.86 10.32 2.99
N SER A 212 11.80 10.36 3.77
CA SER A 212 11.50 9.28 4.69
C SER A 212 10.49 8.36 4.00
N THR A 213 10.46 7.12 4.46
CA THR A 213 9.77 6.10 3.70
C THR A 213 9.33 4.98 4.63
N ALA A 214 8.22 4.35 4.26
CA ALA A 214 7.80 3.08 4.81
C ALA A 214 8.05 1.99 3.77
N GLU A 215 8.70 0.91 4.16
CA GLU A 215 8.97 -0.19 3.24
C GLU A 215 8.29 -1.47 3.71
N ALA A 216 7.78 -2.24 2.76
CA ALA A 216 7.19 -3.55 3.02
C ALA A 216 8.00 -4.60 2.27
N PHE A 217 7.81 -5.86 2.66
CA PHE A 217 8.54 -6.93 2.03
C PHE A 217 7.58 -8.07 1.69
N ILE A 218 7.72 -8.60 0.48
CA ILE A 218 6.99 -9.77 0.03
C ILE A 218 7.96 -10.93 0.10
N SER A 219 7.76 -11.78 1.11
CA SER A 219 8.71 -12.85 1.43
C SER A 219 8.63 -14.02 0.47
N GLU A 220 7.51 -14.19 -0.24
CA GLU A 220 7.37 -15.33 -1.13
C GLU A 220 8.19 -15.17 -2.39
N ASN A 221 8.46 -13.94 -2.84
CA ASN A 221 9.39 -13.74 -3.95
C ASN A 221 10.55 -12.81 -3.59
N GLY A 222 10.75 -12.52 -2.32
CA GLY A 222 11.93 -11.81 -1.85
C GLY A 222 12.07 -10.36 -2.26
N ARG A 223 10.98 -9.61 -2.40
CA ARG A 223 11.07 -8.28 -2.98
C ARG A 223 10.58 -7.23 -2.02
N ALA A 224 11.33 -6.15 -1.88
CA ALA A 224 10.85 -5.00 -1.14
C ALA A 224 9.98 -4.13 -2.03
N ILE A 225 9.04 -3.44 -1.38
CA ILE A 225 8.13 -2.49 -2.04
C ILE A 225 8.03 -1.25 -1.16
N GLN A 226 8.26 -0.08 -1.75
CA GLN A 226 8.04 1.16 -1.03
C GLN A 226 6.54 1.40 -0.85
N ALA A 227 6.09 1.56 0.39
CA ALA A 227 4.67 1.62 0.72
C ALA A 227 4.12 3.04 0.77
N ALA A 228 4.95 4.02 1.11
CA ALA A 228 4.53 5.40 1.24
C ALA A 228 5.78 6.24 1.47
N THR A 229 5.67 7.54 1.21
CA THR A 229 6.81 8.43 1.38
C THR A 229 6.37 9.77 1.94
N SER A 230 7.31 10.40 2.64
CA SER A 230 7.15 11.71 3.24
C SER A 230 8.47 12.44 3.04
N HIS A 231 8.46 13.46 2.20
CA HIS A 231 9.64 14.21 1.86
C HIS A 231 9.70 15.51 2.66
N TYR A 232 10.88 15.81 3.18
CA TYR A 232 11.22 17.16 3.61
C TYR A 232 11.92 17.84 2.43
N LEU A 233 11.26 18.83 1.84
CA LEU A 233 11.79 19.51 0.67
C LEU A 233 12.68 20.69 1.03
N GLY A 234 12.75 21.03 2.32
CA GLY A 234 13.45 22.23 2.75
C GLY A 234 12.97 23.44 1.99
N THR A 235 13.95 24.24 1.54
CA THR A 235 13.70 25.43 0.76
C THR A 235 14.02 25.25 -0.73
N ASN A 236 14.27 24.01 -1.17
CA ASN A 236 14.67 23.78 -2.57
C ASN A 236 13.58 24.22 -3.55
N PHE A 237 12.36 23.73 -3.36
CA PHE A 237 11.29 24.18 -4.24
C PHE A 237 10.96 25.65 -4.01
N ALA A 238 11.15 26.14 -2.78
CA ALA A 238 10.91 27.56 -2.53
C ALA A 238 11.86 28.43 -3.36
N LYS A 239 13.14 28.04 -3.43
CA LYS A 239 14.06 28.78 -4.29
C LYS A 239 13.64 28.70 -5.75
N MET A 240 13.25 27.52 -6.22
CA MET A 240 12.86 27.39 -7.63
C MET A 240 11.64 28.25 -7.98
N PHE A 241 10.63 28.26 -7.12
CA PHE A 241 9.36 28.89 -7.46
C PHE A 241 9.15 30.24 -6.78
N LYS A 242 10.16 30.75 -6.08
CA LYS A 242 10.12 32.06 -5.44
C LYS A 242 9.01 32.16 -4.39
N ILE A 243 8.93 31.15 -3.53
CA ILE A 243 7.92 31.13 -2.46
C ILE A 243 8.58 31.79 -1.24
N GLU A 244 8.49 33.12 -1.20
CA GLU A 244 9.05 33.92 -0.12
C GLU A 244 7.93 34.43 0.78
N PHE A 245 8.26 34.69 2.04
CA PHE A 245 7.34 35.36 2.95
C PHE A 245 8.12 36.31 3.85
N GLU A 246 7.42 37.33 4.33
CA GLU A 246 8.00 38.31 5.25
C GLU A 246 7.74 37.84 6.67
N ASP A 247 8.82 37.64 7.44
CA ASP A 247 8.72 37.06 8.77
C ASP A 247 8.46 38.16 9.80
N GLU A 248 8.44 37.77 11.08
CA GLU A 248 8.05 38.69 12.15
C GLU A 248 9.10 39.73 12.46
N ASN A 249 10.34 39.53 12.03
CA ASN A 249 11.35 40.56 12.05
C ASN A 249 11.39 41.33 10.73
N GLU A 250 10.41 41.10 9.85
CA GLU A 250 10.29 41.77 8.55
C GLU A 250 11.47 41.44 7.64
N VAL A 251 11.94 40.21 7.74
CA VAL A 251 12.97 39.67 6.86
C VAL A 251 12.30 38.72 5.87
N LYS A 252 12.76 38.73 4.63
CA LYS A 252 12.28 37.79 3.63
C LYS A 252 12.91 36.42 3.87
N GLN A 253 12.08 35.39 3.92
CA GLN A 253 12.51 34.02 4.15
C GLN A 253 11.87 33.10 3.12
N TYR A 254 12.52 31.98 2.85
CA TYR A 254 11.93 30.92 2.07
C TYR A 254 11.11 30.00 2.98
N VAL A 255 9.96 29.55 2.48
CA VAL A 255 9.20 28.56 3.22
C VAL A 255 9.95 27.23 3.26
N HIS A 256 9.59 26.40 4.22
CA HIS A 256 10.10 25.04 4.34
C HIS A 256 8.97 24.08 4.03
N GLN A 257 9.18 23.19 3.07
CA GLN A 257 8.06 22.45 2.53
C GLN A 257 8.16 20.97 2.83
N THR A 258 7.00 20.34 2.87
CA THR A 258 6.89 18.89 2.82
C THR A 258 5.97 18.51 1.68
N SER A 259 6.18 17.31 1.16
CA SER A 259 5.15 16.63 0.40
C SER A 259 5.20 15.15 0.76
N TRP A 260 4.06 14.48 0.60
CA TRP A 260 3.93 13.10 1.05
C TRP A 260 2.81 12.42 0.29
N GLY A 261 2.97 11.12 0.06
CA GLY A 261 2.01 10.38 -0.74
C GLY A 261 1.89 8.89 -0.45
N CYS A 262 0.66 8.37 -0.57
CA CYS A 262 0.36 6.95 -0.60
C CYS A 262 -0.64 6.64 -1.71
N THR A 263 -0.47 5.48 -2.34
CA THR A 263 -1.21 5.09 -3.53
C THR A 263 -1.98 3.79 -3.28
N THR A 264 -2.69 3.33 -4.33
CA THR A 264 -3.37 2.04 -4.34
C THR A 264 -2.40 0.86 -4.33
N ARG A 265 -1.09 1.12 -4.41
CA ARG A 265 -0.13 0.06 -4.21
C ARG A 265 -0.32 -0.63 -2.85
N SER A 266 -0.84 0.10 -1.86
CA SER A 266 -1.17 -0.53 -0.58
C SER A 266 -2.09 -1.74 -0.77
N ILE A 267 -3.11 -1.63 -1.63
CA ILE A 267 -3.98 -2.78 -1.88
C ILE A 267 -3.16 -3.98 -2.34
N GLY A 268 -2.27 -3.76 -3.32
CA GLY A 268 -1.42 -4.85 -3.77
C GLY A 268 -0.64 -5.47 -2.64
N ILE A 269 -0.04 -4.63 -1.80
CA ILE A 269 0.78 -5.15 -0.71
C ILE A 269 -0.06 -6.04 0.17
N MET A 270 -1.28 -5.59 0.46
CA MET A 270 -2.18 -6.38 1.31
C MET A 270 -2.46 -7.73 0.68
N ILE A 271 -2.77 -7.75 -0.62
CA ILE A 271 -3.05 -9.01 -1.29
C ILE A 271 -1.84 -9.92 -1.23
N MET A 272 -0.64 -9.37 -1.47
CA MET A 272 0.52 -10.23 -1.52
C MET A 272 0.88 -10.74 -0.13
N THR A 273 0.50 -10.01 0.92
CA THR A 273 0.83 -10.46 2.27
C THR A 273 -0.13 -11.55 2.75
N HIS A 274 -1.43 -11.32 2.61
CA HIS A 274 -2.39 -12.20 3.23
C HIS A 274 -2.98 -13.25 2.29
N GLY A 275 -2.84 -13.08 0.98
CA GLY A 275 -3.40 -14.04 0.03
C GLY A 275 -2.83 -15.43 0.26
N ASP A 276 -3.65 -16.44 -0.06
CA ASP A 276 -3.26 -17.84 0.09
C ASP A 276 -3.71 -18.61 -1.16
N ASP A 277 -3.64 -19.95 -1.09
CA ASP A 277 -3.90 -20.78 -2.26
C ASP A 277 -5.38 -20.92 -2.59
N LYS A 278 -6.28 -20.67 -1.63
CA LYS A 278 -7.70 -20.51 -1.93
C LYS A 278 -8.05 -19.10 -2.42
N GLY A 279 -7.08 -18.17 -2.42
CA GLY A 279 -7.27 -16.87 -3.01
C GLY A 279 -7.16 -15.76 -1.97
N LEU A 280 -8.06 -14.79 -2.09
CA LEU A 280 -7.96 -13.54 -1.35
C LEU A 280 -8.29 -13.74 0.13
N VAL A 281 -7.59 -13.00 0.98
CA VAL A 281 -7.87 -12.95 2.41
C VAL A 281 -7.92 -11.47 2.80
N LEU A 282 -9.07 -11.01 3.27
CA LEU A 282 -9.24 -9.59 3.57
C LEU A 282 -9.25 -9.33 5.06
N PRO A 283 -8.54 -8.31 5.53
CA PRO A 283 -8.77 -7.83 6.90
C PRO A 283 -10.16 -7.26 7.01
N PRO A 284 -10.90 -7.62 8.06
CA PRO A 284 -12.31 -7.19 8.16
C PRO A 284 -12.55 -5.71 7.91
N ASN A 285 -11.65 -4.85 8.36
CA ASN A 285 -11.88 -3.40 8.24
C ASN A 285 -11.89 -2.92 6.80
N VAL A 286 -11.48 -3.73 5.82
CA VAL A 286 -11.53 -3.31 4.43
C VAL A 286 -12.39 -4.24 3.59
N SER A 287 -13.08 -5.18 4.22
CA SER A 287 -14.03 -6.04 3.53
C SER A 287 -15.43 -5.43 3.64
N LYS A 288 -16.14 -5.35 2.51
CA LYS A 288 -17.51 -4.83 2.57
C LYS A 288 -18.43 -5.76 3.35
N TYR A 289 -18.31 -7.08 3.10
CA TYR A 289 -19.09 -8.08 3.84
C TYR A 289 -18.21 -8.73 4.90
N LYS A 290 -18.59 -8.57 6.16
CA LYS A 290 -17.82 -9.24 7.21
C LYS A 290 -18.17 -10.72 7.31
N VAL A 291 -19.42 -11.09 7.00
CA VAL A 291 -19.93 -12.45 7.23
C VAL A 291 -20.75 -12.88 6.01
N VAL A 292 -20.63 -14.14 5.62
CA VAL A 292 -21.53 -14.75 4.64
C VAL A 292 -22.18 -15.96 5.28
N ILE A 293 -23.51 -16.02 5.20
CA ILE A 293 -24.29 -17.13 5.74
C ILE A 293 -24.67 -18.03 4.57
N VAL A 294 -24.28 -19.29 4.66
CA VAL A 294 -24.58 -20.29 3.63
C VAL A 294 -25.53 -21.32 4.21
N PRO A 295 -26.71 -21.53 3.61
CA PRO A 295 -27.60 -22.60 4.07
C PRO A 295 -27.23 -23.94 3.47
N ILE A 296 -27.57 -24.99 4.21
CA ILE A 296 -27.29 -26.36 3.81
C ILE A 296 -28.58 -27.14 3.95
N PHE A 297 -29.04 -27.74 2.85
CA PHE A 297 -30.26 -28.54 2.83
C PHE A 297 -29.86 -29.99 2.56
N TYR A 298 -29.64 -30.76 3.63
CA TYR A 298 -29.33 -32.17 3.48
C TYR A 298 -30.58 -32.93 3.04
N LYS A 299 -31.08 -32.61 1.84
CA LYS A 299 -32.36 -33.10 1.34
C LYS A 299 -33.47 -32.85 2.36
N THR A 300 -33.40 -31.69 3.01
CA THR A 300 -34.27 -31.39 4.14
C THR A 300 -35.74 -31.40 3.71
N THR A 301 -36.60 -31.90 4.59
CA THR A 301 -38.03 -31.82 4.36
C THR A 301 -38.50 -30.37 4.21
N ASP A 302 -37.77 -29.40 4.76
CA ASP A 302 -38.16 -27.99 4.56
C ASP A 302 -36.96 -27.08 4.41
N GLU A 303 -36.96 -26.35 3.29
CA GLU A 303 -36.10 -25.22 3.03
C GLU A 303 -36.36 -24.05 4.00
N ASN A 304 -37.62 -23.86 4.40
CA ASN A 304 -38.04 -22.56 4.93
C ASN A 304 -37.72 -22.38 6.40
N ALA A 305 -37.66 -23.46 7.18
CA ALA A 305 -37.09 -23.33 8.51
C ALA A 305 -35.66 -22.80 8.43
N ILE A 306 -34.90 -23.28 7.44
CA ILE A 306 -33.51 -22.85 7.28
C ILE A 306 -33.43 -21.43 6.73
N HIS A 307 -34.28 -21.09 5.75
CA HIS A 307 -34.37 -19.71 5.28
CA HIS A 307 -34.34 -19.71 5.29
C HIS A 307 -34.69 -18.76 6.44
N SER A 308 -35.72 -19.10 7.21
CA SER A 308 -36.12 -18.30 8.37
C SER A 308 -34.94 -18.10 9.33
N TYR A 309 -34.23 -19.18 9.66
CA TYR A 309 -33.12 -19.13 10.61
C TYR A 309 -31.99 -18.24 10.11
N CYS A 310 -31.58 -18.43 8.86
CA CYS A 310 -30.50 -17.60 8.30
C CYS A 310 -30.87 -16.12 8.27
N LYS A 311 -32.11 -15.77 7.89
CA LYS A 311 -32.44 -14.36 7.91
C LYS A 311 -32.55 -13.80 9.33
N ASP A 312 -32.94 -14.63 10.31
CA ASP A 312 -32.84 -14.20 11.70
C ASP A 312 -31.41 -13.83 12.07
N ILE A 313 -30.46 -14.70 11.71
CA ILE A 313 -29.04 -14.42 11.97
C ILE A 313 -28.59 -13.15 11.23
N GLU A 314 -29.08 -12.95 10.00
CA GLU A 314 -28.71 -11.78 9.22
C GLU A 314 -29.18 -10.49 9.90
N LYS A 315 -30.39 -10.49 10.46
CA LYS A 315 -30.87 -9.27 11.11
C LYS A 315 -30.20 -9.05 12.46
N ILE A 316 -29.86 -10.13 13.17
CA ILE A 316 -29.03 -9.97 14.35
C ILE A 316 -27.73 -9.24 13.98
N LEU A 317 -27.13 -9.66 12.87
CA LEU A 317 -25.83 -9.09 12.48
C LEU A 317 -25.95 -7.67 11.96
N LYS A 318 -27.01 -7.38 11.20
CA LYS A 318 -27.14 -6.04 10.62
C LYS A 318 -27.63 -5.02 11.65
N ASN A 319 -28.44 -5.44 12.62
CA ASN A 319 -28.85 -4.53 13.69
C ASN A 319 -27.64 -3.99 14.44
N ALA A 320 -26.61 -4.81 14.61
CA ALA A 320 -25.38 -4.37 15.26
C ALA A 320 -24.37 -3.80 14.27
N GLN A 321 -24.83 -3.36 13.09
CA GLN A 321 -24.00 -2.65 12.11
C GLN A 321 -22.85 -3.50 11.58
N ILE A 322 -23.05 -4.80 11.49
CA ILE A 322 -22.08 -5.72 10.86
C ILE A 322 -22.66 -6.14 9.53
N ASN A 323 -22.11 -5.60 8.45
CA ASN A 323 -22.67 -5.88 7.13
C ASN A 323 -22.32 -7.30 6.70
N CYS A 324 -23.31 -7.99 6.15
CA CYS A 324 -23.16 -9.39 5.81
C CYS A 324 -24.08 -9.71 4.64
N VAL A 325 -23.97 -10.93 4.14
CA VAL A 325 -24.75 -11.39 3.00
C VAL A 325 -25.17 -12.83 3.26
N TYR A 326 -26.42 -13.16 2.91
CA TYR A 326 -26.96 -14.50 3.01
C TYR A 326 -27.05 -15.07 1.59
N ASP A 327 -26.18 -16.01 1.26
CA ASP A 327 -26.15 -16.58 -0.09
C ASP A 327 -27.24 -17.63 -0.20
N ASP A 328 -28.43 -17.21 -0.65
CA ASP A 328 -29.57 -18.12 -0.77
C ASP A 328 -29.88 -18.53 -2.20
N ARG A 329 -28.91 -18.42 -3.10
CA ARG A 329 -29.14 -18.81 -4.49
C ARG A 329 -29.48 -20.28 -4.58
N ALA A 330 -30.67 -20.58 -5.10
CA ALA A 330 -31.16 -21.94 -5.14
C ALA A 330 -30.40 -22.81 -6.13
N SER A 331 -29.67 -22.19 -7.07
CA SER A 331 -29.05 -22.93 -8.15
C SER A 331 -27.78 -23.67 -7.71
N TYR A 332 -26.96 -23.04 -6.85
CA TYR A 332 -25.64 -23.57 -6.51
C TYR A 332 -25.67 -24.41 -5.24
N SER A 333 -24.70 -25.32 -5.14
CA SER A 333 -24.53 -26.19 -3.98
C SER A 333 -23.79 -25.46 -2.87
N PRO A 334 -23.92 -25.92 -1.62
CA PRO A 334 -23.15 -25.29 -0.53
C PRO A 334 -21.64 -25.23 -0.79
N GLY A 335 -21.07 -26.29 -1.37
CA GLY A 335 -19.63 -26.31 -1.62
C GLY A 335 -19.20 -25.23 -2.60
N TYR A 336 -19.96 -25.08 -3.70
CA TYR A 336 -19.73 -23.99 -4.62
C TYR A 336 -19.69 -22.67 -3.86
N LYS A 337 -20.67 -22.43 -2.99
CA LYS A 337 -20.75 -21.16 -2.29
C LYS A 337 -19.56 -20.97 -1.35
N PHE A 338 -19.17 -22.03 -0.63
CA PHE A 338 -17.98 -21.94 0.21
C PHE A 338 -16.79 -21.44 -0.59
N ASN A 339 -16.53 -22.06 -1.75
CA ASN A 339 -15.36 -21.64 -2.53
C ASN A 339 -15.54 -20.25 -3.12
N HIS A 340 -16.75 -19.94 -3.58
CA HIS A 340 -17.05 -18.62 -4.14
C HIS A 340 -16.72 -17.50 -3.15
N TRP A 341 -17.07 -17.70 -1.87
CA TRP A 341 -16.81 -16.65 -0.91
C TRP A 341 -15.41 -16.73 -0.30
N GLU A 342 -14.79 -17.90 -0.27
CA GLU A 342 -13.40 -17.99 0.15
C GLU A 342 -12.50 -17.28 -0.85
N LEU A 343 -12.82 -17.40 -2.14
CA LEU A 343 -11.99 -16.77 -3.15
C LEU A 343 -12.11 -15.26 -3.08
N ARG A 344 -13.29 -14.76 -2.75
CA ARG A 344 -13.55 -13.33 -2.62
C ARG A 344 -13.14 -12.76 -1.26
N GLY A 345 -12.57 -13.58 -0.37
CA GLY A 345 -11.90 -13.08 0.81
C GLY A 345 -12.76 -12.76 2.02
N ILE A 346 -14.05 -13.09 2.00
CA ILE A 346 -14.93 -12.78 3.15
C ILE A 346 -14.35 -13.39 4.43
N PRO A 347 -14.23 -12.64 5.52
CA PRO A 347 -13.48 -13.16 6.68
C PRO A 347 -14.19 -14.28 7.45
N ILE A 348 -15.52 -14.28 7.51
CA ILE A 348 -16.25 -15.22 8.35
C ILE A 348 -17.39 -15.85 7.55
N ARG A 349 -17.53 -17.18 7.65
CA ARG A 349 -18.62 -17.88 6.99
C ARG A 349 -19.44 -18.62 8.04
N ILE A 350 -20.75 -18.40 8.03
CA ILE A 350 -21.66 -19.11 8.92
C ILE A 350 -22.47 -20.10 8.09
N GLU A 351 -22.46 -21.36 8.51
CA GLU A 351 -23.21 -22.43 7.89
C GLU A 351 -24.32 -22.91 8.81
N VAL A 352 -25.50 -23.13 8.24
CA VAL A 352 -26.61 -23.74 8.96
C VAL A 352 -27.15 -24.90 8.13
N GLY A 353 -27.24 -26.07 8.73
CA GLY A 353 -27.95 -27.18 8.15
C GLY A 353 -29.04 -27.60 9.11
N PRO A 354 -29.77 -28.67 8.78
CA PRO A 354 -30.82 -29.14 9.71
C PRO A 354 -30.26 -29.53 11.07
N LYS A 355 -29.13 -30.26 11.06
CA LYS A 355 -28.43 -30.63 12.28
C LYS A 355 -28.23 -29.40 13.17
N ASP A 356 -27.70 -28.31 12.61
CA ASP A 356 -27.44 -27.11 13.42
C ASP A 356 -28.74 -26.43 13.85
N LEU A 357 -29.74 -26.42 12.97
CA LEU A 357 -31.00 -25.74 13.25
C LEU A 357 -31.68 -26.30 14.49
N GLN A 358 -31.66 -27.63 14.66
CA GLN A 358 -32.40 -28.19 15.79
C GLN A 358 -31.59 -28.14 17.09
N ASN A 359 -30.28 -28.05 16.99
CA ASN A 359 -29.47 -27.71 18.16
C ASN A 359 -29.51 -26.21 18.45
N ASN A 360 -30.24 -25.43 17.66
CA ASN A 360 -30.29 -23.97 17.78
C ASN A 360 -28.88 -23.38 17.72
N SER A 361 -28.06 -23.95 16.86
CA SER A 361 -26.64 -23.65 16.76
C SER A 361 -26.32 -23.10 15.37
N CYS A 362 -25.02 -22.97 15.10
CA CYS A 362 -24.52 -22.78 13.74
C CYS A 362 -23.01 -22.91 13.74
N VAL A 363 -22.43 -23.08 12.55
CA VAL A 363 -20.99 -23.24 12.37
C VAL A 363 -20.40 -21.91 11.90
N ILE A 364 -19.38 -21.43 12.60
CA ILE A 364 -18.61 -20.27 12.19
C ILE A 364 -17.23 -20.74 11.75
N VAL A 365 -16.82 -20.30 10.56
CA VAL A 365 -15.54 -20.67 9.93
C VAL A 365 -14.76 -19.40 9.66
N ARG A 366 -13.53 -19.33 10.18
CA ARG A 366 -12.62 -18.22 9.90
C ARG A 366 -11.93 -18.44 8.55
N ARG A 367 -11.82 -17.37 7.76
CA ARG A 367 -11.18 -17.45 6.45
C ARG A 367 -9.66 -17.57 6.54
N ASP A 368 -9.05 -17.09 7.63
CA ASP A 368 -7.58 -17.09 7.71
C ASP A 368 -7.02 -18.48 8.00
N ASN A 369 -7.47 -19.15 9.07
CA ASN A 369 -6.94 -20.46 9.43
C ASN A 369 -7.92 -21.61 9.20
N ASN A 370 -9.09 -21.35 8.63
CA ASN A 370 -10.13 -22.34 8.35
C ASN A 370 -10.63 -23.05 9.61
N GLU A 371 -10.39 -22.51 10.81
CA GLU A 371 -10.86 -23.17 12.01
C GLU A 371 -12.36 -22.98 12.18
N LYS A 372 -13.06 -24.08 12.47
CA LYS A 372 -14.51 -24.11 12.55
C LYS A 372 -14.93 -24.27 14.01
N CYS A 373 -16.05 -23.64 14.36
CA CYS A 373 -16.49 -23.69 15.73
CA CYS A 373 -16.48 -23.55 15.75
C CYS A 373 -18.00 -23.58 15.81
N ASN A 374 -18.57 -24.38 16.71
CA ASN A 374 -20.01 -24.41 16.93
C ASN A 374 -20.39 -23.33 17.93
N VAL A 375 -21.47 -22.60 17.63
CA VAL A 375 -21.87 -21.47 18.47
C VAL A 375 -23.38 -21.39 18.50
N LYS A 376 -23.93 -21.21 19.70
CA LYS A 376 -25.36 -21.02 19.93
C LYS A 376 -25.82 -19.70 19.31
N LYS A 377 -27.08 -19.68 18.86
CA LYS A 377 -27.64 -18.54 18.13
C LYS A 377 -27.45 -17.21 18.87
N GLU A 378 -27.91 -17.14 20.13
CA GLU A 378 -27.87 -15.87 20.85
C GLU A 378 -26.44 -15.48 21.24
N SER A 379 -25.48 -16.37 21.03
CA SER A 379 -24.08 -16.06 21.24
C SER A 379 -23.38 -15.54 19.99
N VAL A 380 -24.02 -15.61 18.82
CA VAL A 380 -23.27 -15.44 17.58
C VAL A 380 -22.73 -14.03 17.45
N LEU A 381 -23.56 -13.01 17.72
CA LEU A 381 -23.14 -11.63 17.55
C LEU A 381 -21.82 -11.36 18.26
N LEU A 382 -21.81 -11.60 19.58
CA LEU A 382 -20.60 -11.36 20.36
C LEU A 382 -19.43 -12.16 19.79
N GLU A 383 -19.64 -13.46 19.54
CA GLU A 383 -18.53 -14.27 19.07
C GLU A 383 -18.11 -13.88 17.66
N THR A 384 -18.99 -13.21 16.90
CA THR A 384 -18.58 -12.64 15.63
C THR A 384 -17.68 -11.43 15.85
N GLN A 385 -18.13 -10.49 16.68
CA GLN A 385 -17.36 -9.28 16.91
C GLN A 385 -15.93 -9.64 17.31
N GLN A 386 -15.80 -10.38 18.42
CA GLN A 386 -14.49 -10.75 18.91
C GLN A 386 -13.67 -11.40 17.82
N MET A 387 -14.28 -12.29 17.05
CA MET A 387 -13.49 -13.06 16.10
C MET A 387 -13.03 -12.21 14.93
N LEU A 388 -13.85 -11.25 14.50
CA LEU A 388 -13.35 -10.27 13.52
C LEU A 388 -12.07 -9.63 14.05
N VAL A 389 -12.10 -9.18 15.30
CA VAL A 389 -10.94 -8.56 15.91
C VAL A 389 -9.76 -9.54 15.88
N ASP A 390 -10.02 -10.79 16.28
CA ASP A 390 -8.92 -11.73 16.39
C ASP A 390 -8.36 -12.07 15.02
N ILE A 391 -9.18 -11.97 13.97
CA ILE A 391 -8.66 -12.26 12.64
C ILE A 391 -7.58 -11.24 12.28
N HIS A 392 -7.86 -9.95 12.57
CA HIS A 392 -6.92 -8.89 12.23
C HIS A 392 -5.57 -9.12 12.91
N LYS A 393 -5.58 -9.24 14.24
CA LYS A 393 -4.34 -9.46 14.95
C LYS A 393 -3.60 -10.65 14.38
N ASN A 394 -4.32 -11.74 14.08
CA ASN A 394 -3.63 -12.91 13.59
C ASN A 394 -2.93 -12.59 12.27
N LEU A 395 -3.67 -12.03 11.31
CA LEU A 395 -3.07 -11.65 10.05
C LEU A 395 -1.84 -10.79 10.30
N PHE A 396 -1.99 -9.78 11.14
CA PHE A 396 -0.88 -8.87 11.37
C PHE A 396 0.32 -9.63 11.91
N LEU A 397 0.13 -10.39 13.00
CA LEU A 397 1.31 -10.96 13.61
C LEU A 397 1.93 -12.02 12.71
N LYS A 398 1.11 -12.72 11.93
CA LYS A 398 1.72 -13.71 11.05
C LYS A 398 2.58 -13.01 10.01
N ALA A 399 2.12 -11.86 9.52
CA ALA A 399 2.92 -11.05 8.62
C ALA A 399 4.13 -10.45 9.33
N LYS A 400 3.96 -10.02 10.59
CA LYS A 400 5.07 -9.36 11.27
C LYS A 400 6.23 -10.32 11.45
N LYS A 401 5.95 -11.52 11.94
CA LYS A 401 6.97 -12.56 12.02
C LYS A 401 7.64 -12.74 10.66
N LYS A 402 6.85 -12.84 9.60
CA LYS A 402 7.44 -13.09 8.29
C LYS A 402 8.36 -11.95 7.88
N LEU A 403 8.03 -10.70 8.28
CA LEU A 403 8.93 -9.59 7.99
C LEU A 403 10.23 -9.73 8.77
N ASP A 404 10.13 -9.98 10.08
CA ASP A 404 11.33 -10.02 10.91
C ASP A 404 12.31 -11.08 10.41
N ASP A 405 11.80 -12.23 10.02
CA ASP A 405 12.64 -13.34 9.59
C ASP A 405 13.11 -13.20 8.16
N SER A 406 12.93 -12.04 7.54
CA SER A 406 13.45 -11.80 6.20
C SER A 406 14.67 -10.88 6.17
N ILE A 407 15.17 -10.45 7.33
CA ILE A 407 16.32 -9.55 7.40
C ILE A 407 17.50 -10.33 7.96
N VAL A 408 18.54 -10.45 7.16
CA VAL A 408 19.79 -11.06 7.58
C VAL A 408 20.80 -9.94 7.76
N GLN A 409 21.40 -9.87 8.94
CA GLN A 409 22.45 -8.90 9.20
C GLN A 409 23.77 -9.44 8.70
N VAL A 410 24.50 -8.63 7.93
CA VAL A 410 25.77 -9.02 7.33
C VAL A 410 26.80 -7.94 7.62
N THR A 411 28.06 -8.30 7.43
CA THR A 411 29.14 -7.34 7.56
C THR A 411 30.08 -7.28 6.37
N SER A 412 29.97 -8.19 5.40
CA SER A 412 30.80 -8.16 4.21
C SER A 412 29.96 -8.54 2.99
N PHE A 413 30.47 -8.17 1.81
CA PHE A 413 29.74 -8.46 0.59
C PHE A 413 29.65 -9.95 0.29
N SER A 414 30.58 -10.75 0.80
CA SER A 414 30.58 -12.18 0.48
C SER A 414 29.37 -12.89 1.05
N GLU A 415 28.81 -12.37 2.15
CA GLU A 415 27.60 -12.96 2.69
C GLU A 415 26.36 -12.58 1.91
N VAL A 416 26.46 -11.59 1.02
CA VAL A 416 25.27 -10.90 0.51
C VAL A 416 24.51 -11.78 -0.48
N MET A 417 25.19 -12.30 -1.50
CA MET A 417 24.50 -13.02 -2.56
C MET A 417 23.74 -14.22 -1.99
N ASN A 418 24.37 -14.95 -1.07
CA ASN A 418 23.69 -16.05 -0.41
C ASN A 418 22.36 -15.60 0.17
N ALA A 419 22.38 -14.52 0.97
CA ALA A 419 21.14 -14.03 1.56
C ALA A 419 20.13 -13.64 0.49
N LEU A 420 20.59 -13.02 -0.61
CA LEU A 420 19.61 -12.63 -1.63
C LEU A 420 18.95 -13.86 -2.23
N ASN A 421 19.68 -14.98 -2.32
CA ASN A 421 19.11 -16.13 -3.01
C ASN A 421 18.24 -16.98 -2.09
N LYS A 422 18.32 -16.79 -0.77
CA LYS A 422 17.31 -17.30 0.15
C LYS A 422 16.13 -16.34 0.30
N LYS A 423 16.01 -15.36 -0.61
CA LYS A 423 14.87 -14.42 -0.65
C LYS A 423 14.85 -13.48 0.56
N LYS A 424 16.02 -13.02 1.00
CA LYS A 424 16.10 -12.11 2.13
C LYS A 424 16.48 -10.69 1.68
N MET A 425 16.28 -9.73 2.59
CA MET A 425 17.00 -8.46 2.59
C MET A 425 18.23 -8.58 3.48
N VAL A 426 19.17 -7.66 3.29
CA VAL A 426 20.38 -7.62 4.13
C VAL A 426 20.47 -6.27 4.80
N LEU A 427 20.84 -6.30 6.08
CA LEU A 427 21.13 -5.10 6.85
C LEU A 427 22.64 -5.04 6.99
N ALA A 428 23.25 -3.99 6.46
CA ALA A 428 24.69 -3.96 6.26
C ALA A 428 25.26 -2.61 6.69
N PRO A 429 26.50 -2.60 7.18
CA PRO A 429 27.14 -1.31 7.49
C PRO A 429 27.57 -0.64 6.19
N TRP A 430 27.28 0.65 6.08
CA TRP A 430 27.44 1.33 4.81
C TRP A 430 27.99 2.74 5.00
N CYS A 431 28.88 3.12 4.09
CA CYS A 431 29.49 4.44 4.07
C CYS A 431 28.56 5.50 3.48
N GLU A 432 27.52 5.10 2.74
CA GLU A 432 26.48 5.97 2.19
C GLU A 432 26.98 6.90 1.10
N ASP A 433 28.16 6.65 0.53
CA ASP A 433 28.61 7.40 -0.62
C ASP A 433 27.77 7.03 -1.84
N ILE A 434 27.32 8.05 -2.57
CA ILE A 434 26.29 7.83 -3.58
C ILE A 434 26.82 7.01 -4.75
N ALA A 435 28.10 7.16 -5.10
CA ALA A 435 28.68 6.39 -6.20
C ALA A 435 28.48 4.89 -5.99
N THR A 436 28.73 4.42 -4.76
CA THR A 436 28.66 2.98 -4.50
C THR A 436 27.29 2.41 -4.84
N GLU A 437 26.24 3.23 -4.79
CA GLU A 437 24.89 2.74 -5.10
C GLU A 437 24.90 2.05 -6.46
N GLU A 438 25.36 2.77 -7.50
CA GLU A 438 25.33 2.18 -8.82
C GLU A 438 26.21 0.94 -8.86
N GLU A 439 27.40 1.02 -8.24
CA GLU A 439 28.30 -0.12 -8.26
C GLU A 439 27.62 -1.34 -7.66
N ILE A 440 26.96 -1.15 -6.51
CA ILE A 440 26.36 -2.30 -5.86
C ILE A 440 25.26 -2.87 -6.73
N LYS A 441 24.45 -1.99 -7.33
CA LYS A 441 23.43 -2.43 -8.27
C LYS A 441 24.08 -3.31 -9.33
N LYS A 442 25.09 -2.76 -10.01
CA LYS A 442 25.59 -3.46 -11.18
C LYS A 442 26.27 -4.77 -10.78
N GLU A 443 26.79 -4.86 -9.55
CA GLU A 443 27.48 -6.11 -9.25
C GLU A 443 26.48 -7.19 -8.87
N THR A 444 25.44 -6.83 -8.10
CA THR A 444 24.50 -7.86 -7.67
C THR A 444 23.75 -8.44 -8.87
N GLN A 445 23.28 -7.58 -9.78
CA GLN A 445 22.69 -8.03 -11.04
C GLN A 445 23.65 -8.96 -11.77
N ARG A 446 24.92 -8.59 -11.86
CA ARG A 446 25.89 -9.43 -12.53
C ARG A 446 25.91 -10.83 -11.93
N LEU A 447 25.96 -10.94 -10.63
CA LEU A 447 26.02 -12.24 -10.02
C LEU A 447 24.71 -12.88 -9.82
N SER A 448 23.73 -12.50 -10.60
CA SER A 448 22.44 -13.09 -10.42
C SER A 448 22.13 -14.25 -11.32
N LEU A 449 23.07 -14.63 -12.16
CA LEU A 449 22.87 -15.77 -13.03
C LEU A 449 22.59 -17.01 -12.20
N ASN A 450 21.29 -17.31 -12.03
CA ASN A 450 20.83 -18.44 -11.24
C ASN A 450 19.41 -18.78 -11.65
N THR A 456 11.38 -13.63 -11.34
CA THR A 456 12.25 -14.23 -12.36
C THR A 456 12.13 -13.46 -13.70
N THR A 457 11.13 -12.59 -13.82
CA THR A 457 11.13 -11.65 -14.94
C THR A 457 11.70 -10.29 -14.55
N LEU A 458 11.81 -10.00 -13.25
CA LEU A 458 12.28 -8.72 -12.74
C LEU A 458 13.79 -8.74 -12.49
N SER A 459 14.35 -7.54 -12.30
CA SER A 459 15.80 -7.38 -12.21
C SER A 459 16.36 -8.00 -10.92
N GLY A 460 17.51 -8.65 -11.07
CA GLY A 460 18.23 -9.20 -9.94
C GLY A 460 19.07 -8.21 -9.16
N ALA A 461 19.13 -6.94 -9.58
CA ALA A 461 19.88 -5.94 -8.84
C ALA A 461 19.29 -5.74 -7.43
N MET A 462 20.17 -5.47 -6.48
CA MET A 462 19.75 -5.08 -5.14
C MET A 462 20.09 -3.61 -4.95
N LYS A 463 19.12 -2.84 -4.46
CA LYS A 463 19.20 -1.42 -4.22
C LYS A 463 19.21 -1.14 -2.73
N PRO A 464 19.71 0.02 -2.30
CA PRO A 464 19.40 0.47 -0.94
C PRO A 464 17.92 0.75 -0.81
N LEU A 465 17.29 0.14 0.19
CA LEU A 465 15.87 0.39 0.40
C LEU A 465 15.67 1.55 1.38
N CYS A 466 16.22 1.44 2.59
CA CYS A 466 16.20 2.58 3.49
C CYS A 466 17.23 2.39 4.60
N ILE A 467 17.61 3.51 5.19
CA ILE A 467 18.40 3.53 6.42
C ILE A 467 17.40 3.54 7.58
N PRO A 468 17.24 2.44 8.32
CA PRO A 468 16.14 2.37 9.30
C PRO A 468 16.28 3.44 10.37
N LEU A 469 15.12 3.96 10.81
CA LEU A 469 15.12 4.87 11.94
C LEU A 469 15.59 4.17 13.20
N ASP A 470 15.27 2.88 13.32
CA ASP A 470 15.73 2.04 14.42
C ASP A 470 17.12 1.48 14.10
N GLN A 471 18.17 2.17 14.59
CA GLN A 471 19.51 1.79 14.20
C GLN A 471 20.13 0.86 15.22
N PRO A 472 20.71 -0.26 14.82
CA PRO A 472 21.59 -1.01 15.72
C PRO A 472 22.84 -0.21 16.01
N PRO A 473 23.52 -0.47 17.13
CA PRO A 473 24.77 0.26 17.41
C PRO A 473 25.83 -0.03 16.36
N MET A 474 26.59 1.01 16.00
CA MET A 474 27.70 0.88 15.07
C MET A 474 29.00 0.69 15.86
N PRO A 475 29.57 -0.52 15.87
CA PRO A 475 30.82 -0.76 16.65
C PRO A 475 31.93 0.19 16.23
N PRO A 476 32.98 0.30 17.07
CA PRO A 476 33.98 1.37 16.88
C PRO A 476 34.60 1.48 15.48
N ASN A 477 35.34 0.47 15.04
CA ASN A 477 36.04 0.54 13.77
C ASN A 477 35.36 -0.28 12.66
N MET A 478 34.04 -0.39 12.70
CA MET A 478 33.33 -1.17 11.69
C MET A 478 33.39 -0.48 10.34
N LYS A 479 33.71 -1.23 9.29
CA LYS A 479 33.91 -0.64 7.98
C LYS A 479 32.83 -1.07 6.98
N CYS A 480 32.72 -0.27 5.92
CA CYS A 480 31.64 -0.43 4.95
C CYS A 480 31.79 -1.74 4.21
N PHE A 481 30.67 -2.49 4.11
CA PHE A 481 30.71 -3.82 3.52
C PHE A 481 31.07 -3.80 2.04
N TRP A 482 30.97 -2.65 1.39
CA TRP A 482 31.25 -2.58 -0.03
C TRP A 482 32.60 -1.95 -0.32
N SER A 483 32.87 -0.78 0.25
CA SER A 483 34.01 0.03 -0.11
C SER A 483 35.17 -0.08 0.87
N GLY A 484 34.96 -0.65 2.05
CA GLY A 484 36.02 -0.72 3.04
C GLY A 484 36.29 0.58 3.78
N LYS A 485 35.64 1.67 3.41
CA LYS A 485 35.77 2.93 4.14
C LYS A 485 35.12 2.79 5.51
N PRO A 486 35.36 3.71 6.43
CA PRO A 486 34.65 3.67 7.72
C PRO A 486 33.15 3.81 7.49
N ALA A 487 32.39 2.93 8.13
CA ALA A 487 30.94 2.89 7.94
C ALA A 487 30.26 3.97 8.78
N LYS A 488 29.17 4.51 8.24
CA LYS A 488 28.36 5.49 8.97
C LYS A 488 27.10 4.87 9.55
N ARG A 489 26.31 4.12 8.77
CA ARG A 489 25.09 3.62 9.39
C ARG A 489 24.74 2.25 8.82
N TRP A 490 23.77 1.61 9.48
CA TRP A 490 23.23 0.37 8.96
C TRP A 490 22.15 0.69 7.94
N CYS A 491 22.14 -0.07 6.85
CA CYS A 491 21.28 0.20 5.71
C CYS A 491 20.66 -1.10 5.25
N LEU A 492 19.40 -1.04 4.81
CA LEU A 492 18.71 -2.19 4.22
C LEU A 492 18.93 -2.21 2.71
N PHE A 493 19.30 -3.37 2.18
CA PHE A 493 19.44 -3.58 0.75
C PHE A 493 18.64 -4.81 0.37
N GLY A 494 18.13 -4.80 -0.86
CA GLY A 494 17.42 -5.96 -1.37
C GLY A 494 16.93 -5.72 -2.77
N ARG A 495 16.37 -6.78 -3.35
CA ARG A 495 15.68 -6.64 -4.61
C ARG A 495 14.31 -6.00 -4.38
N SER A 496 13.84 -5.27 -5.37
CA SER A 496 12.63 -4.48 -5.16
C SER A 496 11.78 -4.50 -6.42
N TYR A 497 10.63 -3.85 -6.34
CA TYR A 497 9.68 -3.74 -7.45
C TYR A 497 9.84 -2.44 -8.22
#